data_6O56
#
_entry.id   6O56
#
_cell.length_a   51.525
_cell.length_b   56.063
_cell.length_c   80.669
_cell.angle_alpha   90.000
_cell.angle_beta   90.000
_cell.angle_gamma   90.000
#
_symmetry.space_group_name_H-M   'P 21 21 21'
#
loop_
_entity.id
_entity.type
_entity.pdbx_description
1 polymer 'CRISPR-associated endonuclease Cas9/Csn1'
2 water water
#
_entity_poly.entity_id   1
_entity_poly.type   'polypeptide(L)'
_entity_poly.pdbx_seq_one_letter_code
;SKNSRERMKRIEEGIKELGSQILKEHPVENTQLQNEKLYLYYLQNGRDMYVDQELDINRLSDYDVDHIVPQSFLKDDSID
NKVLTRSDKNRGKSDNVPSEEVVKKMKNYWRQLLNAKLITQRKFDNLTKAERGGL
;
_entity_poly.pdbx_strand_id   A,B
#
# COMPACT_ATOMS: atom_id res chain seq x y z
N SER A 1 -21.04 -12.06 12.65
CA SER A 1 -22.36 -12.43 13.14
C SER A 1 -23.02 -13.42 12.19
N LYS A 2 -22.42 -13.62 11.02
CA LYS A 2 -22.94 -14.57 10.04
C LYS A 2 -22.46 -15.97 10.37
N ASN A 3 -23.38 -16.93 10.39
CA ASN A 3 -23.04 -18.30 10.72
C ASN A 3 -22.13 -18.90 9.66
N SER A 4 -21.31 -19.89 10.08
CA SER A 4 -20.30 -20.45 9.21
C SER A 4 -20.89 -21.01 7.91
N ARG A 5 -22.09 -21.61 8.00
CA ARG A 5 -22.74 -22.10 6.79
C ARG A 5 -23.20 -20.94 5.90
N GLU A 6 -23.70 -19.87 6.51
CA GLU A 6 -24.05 -18.69 5.72
C GLU A 6 -22.81 -17.99 5.17
N ARG A 7 -21.71 -18.03 5.91
CA ARG A 7 -20.47 -17.43 5.42
C ARG A 7 -19.91 -18.19 4.22
N MET A 8 -19.96 -19.53 4.27
CA MET A 8 -19.49 -20.33 3.15
C MET A 8 -20.39 -20.13 1.93
N LYS A 9 -21.70 -20.04 2.14
CA LYS A 9 -22.62 -19.84 1.02
C LYS A 9 -22.37 -18.49 0.35
N ARG A 10 -22.13 -17.44 1.14
CA ARG A 10 -21.88 -16.12 0.56
C ARG A 10 -20.58 -16.10 -0.23
N ILE A 11 -19.56 -16.79 0.27
CA ILE A 11 -18.27 -16.81 -0.42
C ILE A 11 -18.36 -17.61 -1.71
N GLU A 12 -18.98 -18.79 -1.65
CA GLU A 12 -19.08 -19.64 -2.84
C GLU A 12 -19.86 -18.95 -3.95
N GLU A 13 -20.93 -18.24 -3.59
CA GLU A 13 -21.72 -17.56 -4.62
C GLU A 13 -20.97 -16.35 -5.17
N GLY A 14 -20.32 -15.59 -4.30
CA GLY A 14 -19.59 -14.41 -4.76
C GLY A 14 -18.38 -14.76 -5.61
N ILE A 15 -17.64 -15.80 -5.21
CA ILE A 15 -16.50 -16.25 -6.00
C ILE A 15 -16.98 -16.77 -7.36
N LYS A 16 -18.14 -17.43 -7.38
CA LYS A 16 -18.69 -17.91 -8.64
C LYS A 16 -19.04 -16.75 -9.57
N GLU A 17 -19.59 -15.67 -9.01
CA GLU A 17 -19.91 -14.50 -9.83
C GLU A 17 -18.65 -13.84 -10.37
N LEU A 18 -17.53 -13.96 -9.66
CA LEU A 18 -16.27 -13.38 -10.12
C LEU A 18 -15.54 -14.27 -11.12
N GLY A 19 -15.94 -15.53 -11.27
CA GLY A 19 -15.16 -16.46 -12.07
C GLY A 19 -13.81 -16.77 -11.49
N SER A 20 -13.67 -16.68 -10.18
CA SER A 20 -12.39 -16.84 -9.51
C SER A 20 -12.13 -18.30 -9.16
N GLN A 21 -10.86 -18.68 -9.20
CA GLN A 21 -10.43 -20.02 -8.84
C GLN A 21 -9.81 -20.08 -7.45
N ILE A 22 -10.11 -19.10 -6.59
CA ILE A 22 -9.45 -19.02 -5.29
C ILE A 22 -9.90 -20.17 -4.39
N LEU A 23 -11.12 -20.67 -4.54
CA LEU A 23 -11.56 -21.81 -3.75
C LEU A 23 -10.93 -23.11 -4.24
N LYS A 24 -10.56 -23.16 -5.52
CA LYS A 24 -9.85 -24.34 -6.03
C LYS A 24 -8.38 -24.33 -5.61
N GLU A 25 -7.76 -23.16 -5.61
CA GLU A 25 -6.36 -23.06 -5.22
C GLU A 25 -6.19 -23.04 -3.71
N HIS A 26 -7.20 -22.57 -2.98
CA HIS A 26 -7.16 -22.51 -1.51
C HIS A 26 -8.48 -23.06 -0.98
N PRO A 27 -8.62 -24.38 -0.91
CA PRO A 27 -9.86 -24.96 -0.40
C PRO A 27 -10.06 -24.65 1.08
N VAL A 28 -11.31 -24.40 1.45
CA VAL A 28 -11.66 -24.03 2.82
C VAL A 28 -13.01 -24.65 3.17
N GLU A 29 -13.16 -25.03 4.43
CA GLU A 29 -14.42 -25.53 4.95
C GLU A 29 -15.12 -24.44 5.77
N ASN A 30 -16.43 -24.61 5.94
CA ASN A 30 -17.26 -23.55 6.51
C ASN A 30 -16.80 -23.14 7.90
N THR A 31 -16.43 -24.12 8.73
CA THR A 31 -16.07 -23.81 10.11
C THR A 31 -14.81 -22.95 10.19
N GLN A 32 -13.92 -23.06 9.21
CA GLN A 32 -12.71 -22.22 9.20
C GLN A 32 -13.03 -20.75 9.03
N LEU A 33 -14.19 -20.41 8.47
CA LEU A 33 -14.57 -19.02 8.23
C LEU A 33 -14.97 -18.29 9.51
N GLN A 34 -14.97 -18.96 10.66
CA GLN A 34 -15.18 -18.26 11.92
C GLN A 34 -14.04 -17.29 12.22
N ASN A 35 -12.86 -17.54 11.65
CA ASN A 35 -11.77 -16.58 11.75
C ASN A 35 -12.07 -15.38 10.85
N GLU A 36 -12.11 -14.18 11.45
CA GLU A 36 -12.55 -13.00 10.72
C GLU A 36 -11.56 -12.61 9.62
N LYS A 37 -10.25 -12.81 9.85
CA LYS A 37 -9.28 -12.48 8.83
C LYS A 37 -9.38 -13.42 7.64
N LEU A 38 -9.57 -14.73 7.89
CA LEU A 38 -9.73 -15.68 6.80
C LEU A 38 -11.03 -15.45 6.05
N TYR A 39 -12.09 -15.08 6.77
CA TYR A 39 -13.36 -14.78 6.13
C TYR A 39 -13.23 -13.57 5.21
N LEU A 40 -12.56 -12.52 5.69
CA LEU A 40 -12.34 -11.34 4.86
C LEU A 40 -11.42 -11.64 3.68
N TYR A 41 -10.52 -12.60 3.83
CA TYR A 41 -9.61 -12.96 2.74
C TYR A 41 -10.39 -13.43 1.52
N TYR A 42 -11.34 -14.34 1.72
CA TYR A 42 -12.14 -14.86 0.61
C TYR A 42 -13.18 -13.86 0.15
N LEU A 43 -13.73 -13.05 1.06
CA LEU A 43 -14.69 -12.03 0.66
C LEU A 43 -14.07 -11.03 -0.30
N GLN A 44 -12.76 -10.84 -0.24
CA GLN A 44 -12.04 -9.90 -1.09
C GLN A 44 -11.29 -10.59 -2.22
N ASN A 45 -11.55 -11.88 -2.45
CA ASN A 45 -10.91 -12.66 -3.50
C ASN A 45 -9.39 -12.63 -3.37
N GLY A 46 -8.92 -12.67 -2.13
CA GLY A 46 -7.48 -12.66 -1.88
C GLY A 46 -6.77 -11.38 -2.28
N ARG A 47 -7.47 -10.26 -2.26
CA ARG A 47 -6.92 -8.99 -2.68
C ARG A 47 -7.01 -7.97 -1.56
N ASP A 48 -6.07 -7.02 -1.55
CA ASP A 48 -6.13 -5.90 -0.62
C ASP A 48 -7.19 -4.91 -1.06
N MET A 49 -7.94 -4.38 -0.09
CA MET A 49 -9.01 -3.44 -0.39
C MET A 49 -8.53 -2.00 -0.52
N TYR A 50 -7.36 -1.67 0.03
CA TYR A 50 -6.83 -0.32 -0.04
C TYR A 50 -5.68 -0.16 -1.02
N VAL A 51 -5.04 -1.26 -1.42
CA VAL A 51 -3.92 -1.24 -2.35
C VAL A 51 -4.15 -2.30 -3.42
N ASP A 52 -3.68 -2.01 -4.63
CA ASP A 52 -3.75 -2.98 -5.73
C ASP A 52 -2.63 -3.99 -5.54
N GLN A 53 -2.88 -4.96 -4.67
CA GLN A 53 -1.91 -6.02 -4.40
C GLN A 53 -2.63 -7.22 -3.80
N GLU A 54 -1.99 -8.38 -3.91
CA GLU A 54 -2.55 -9.60 -3.38
C GLU A 54 -2.40 -9.68 -1.87
N LEU A 55 -3.21 -10.53 -1.26
CA LEU A 55 -3.05 -10.92 0.14
C LEU A 55 -2.47 -12.33 0.18
N ASP A 56 -1.35 -12.49 0.87
CA ASP A 56 -0.75 -13.80 1.05
C ASP A 56 -1.50 -14.54 2.15
N ILE A 57 -2.12 -15.66 1.78
CA ILE A 57 -2.98 -16.40 2.71
C ILE A 57 -2.18 -16.93 3.90
N ASN A 58 -0.86 -17.06 3.76
CA ASN A 58 -0.01 -17.48 4.87
C ASN A 58 0.44 -16.32 5.74
N ARG A 59 0.23 -15.07 5.31
CA ARG A 59 0.67 -13.89 6.04
C ARG A 59 -0.49 -13.17 6.72
N LEU A 60 -1.59 -13.87 6.98
CA LEU A 60 -2.78 -13.20 7.51
C LEU A 60 -2.55 -12.64 8.91
N SER A 61 -1.68 -13.27 9.70
CA SER A 61 -1.39 -12.78 11.04
C SER A 61 -0.69 -11.43 11.02
N ASP A 62 -0.03 -11.08 9.92
CA ASP A 62 0.64 -9.80 9.80
C ASP A 62 -0.28 -8.68 9.31
N TYR A 63 -1.42 -9.02 8.73
CA TYR A 63 -2.31 -8.04 8.15
C TYR A 63 -3.23 -7.44 9.21
N ASP A 64 -3.88 -6.34 8.85
CA ASP A 64 -4.73 -5.59 9.77
C ASP A 64 -6.19 -5.67 9.34
N VAL A 65 -7.08 -5.85 10.30
CA VAL A 65 -8.52 -5.70 10.08
C VAL A 65 -8.85 -4.24 10.39
N ASP A 66 -9.06 -3.46 9.33
CA ASP A 66 -9.28 -2.03 9.46
C ASP A 66 -10.78 -1.73 9.40
N HIS A 67 -11.22 -0.80 10.25
CA HIS A 67 -12.61 -0.35 10.24
C HIS A 67 -12.74 0.79 9.24
N ILE A 68 -13.67 0.64 8.29
CA ILE A 68 -13.85 1.65 7.25
C ILE A 68 -14.21 2.99 7.86
N VAL A 69 -15.26 3.01 8.67
CA VAL A 69 -15.58 4.16 9.51
C VAL A 69 -14.97 3.91 10.89
N PRO A 70 -14.03 4.75 11.35
CA PRO A 70 -13.33 4.45 12.60
C PRO A 70 -14.28 4.32 13.77
N GLN A 71 -13.96 3.38 14.67
CA GLN A 71 -14.84 3.08 15.80
C GLN A 71 -14.97 4.25 16.77
N SER A 72 -14.05 5.21 16.71
CA SER A 72 -14.23 6.45 17.47
C SER A 72 -15.40 7.28 16.96
N PHE A 73 -15.91 6.97 15.77
CA PHE A 73 -17.02 7.69 15.16
C PHE A 73 -18.28 6.84 15.07
N LEU A 74 -18.17 5.63 14.53
CA LEU A 74 -19.31 4.73 14.35
C LEU A 74 -19.09 3.47 15.17
N LYS A 75 -20.11 3.08 15.94
CA LYS A 75 -20.03 1.86 16.75
C LYS A 75 -20.51 0.68 15.90
N ASP A 76 -19.60 0.18 15.07
CA ASP A 76 -19.92 -0.91 14.15
C ASP A 76 -18.69 -1.81 14.04
N ASP A 77 -18.79 -3.03 14.56
CA ASP A 77 -17.71 -4.01 14.49
C ASP A 77 -18.07 -5.19 13.59
N SER A 78 -19.02 -5.00 12.68
CA SER A 78 -19.46 -6.06 11.79
C SER A 78 -18.59 -6.10 10.53
N ILE A 79 -18.84 -7.10 9.70
CA ILE A 79 -18.12 -7.22 8.43
C ILE A 79 -18.47 -6.06 7.50
N ASP A 80 -19.66 -5.48 7.66
CA ASP A 80 -20.06 -4.34 6.85
C ASP A 80 -19.19 -3.11 7.08
N ASN A 81 -18.38 -3.10 8.13
CA ASN A 81 -17.49 -1.97 8.42
C ASN A 81 -16.04 -2.40 8.54
N LYS A 82 -15.66 -3.52 7.92
CA LYS A 82 -14.32 -4.06 8.06
C LYS A 82 -13.79 -4.51 6.70
N VAL A 83 -12.48 -4.35 6.53
CA VAL A 83 -11.74 -4.92 5.40
C VAL A 83 -10.44 -5.49 5.93
N LEU A 84 -9.85 -6.39 5.16
CA LEU A 84 -8.52 -6.92 5.43
C LEU A 84 -7.52 -6.23 4.52
N THR A 85 -6.50 -5.62 5.11
CA THR A 85 -5.48 -4.91 4.35
C THR A 85 -4.12 -5.24 4.95
N ARG A 86 -3.09 -5.21 4.08
CA ARG A 86 -1.75 -5.54 4.54
C ARG A 86 -1.30 -4.66 5.70
N SER A 87 -1.62 -3.36 5.62
CA SER A 87 -1.33 -2.43 6.69
C SER A 87 -2.42 -1.37 6.70
N ASP A 88 -2.99 -1.12 7.88
CA ASP A 88 -4.03 -0.10 7.97
C ASP A 88 -3.49 1.31 7.76
N LYS A 89 -2.16 1.47 7.69
CA LYS A 89 -1.59 2.77 7.34
C LYS A 89 -1.84 3.12 5.88
N ASN A 90 -2.19 2.14 5.05
CA ASN A 90 -2.47 2.39 3.64
C ASN A 90 -3.88 2.90 3.40
N ARG A 91 -4.69 3.07 4.45
CA ARG A 91 -6.02 3.63 4.30
C ARG A 91 -6.01 5.12 4.03
N GLY A 92 -4.88 5.79 4.28
CA GLY A 92 -4.81 7.24 4.21
C GLY A 92 -4.73 7.84 5.59
N LYS A 93 -5.60 8.79 5.89
CA LYS A 93 -5.67 9.35 7.24
C LYS A 93 -6.31 8.34 8.19
N SER A 94 -6.01 8.50 9.47
CA SER A 94 -6.54 7.58 10.48
C SER A 94 -7.83 8.07 11.12
N ASP A 95 -8.17 9.34 10.95
CA ASP A 95 -9.34 9.94 11.59
C ASP A 95 -10.44 10.24 10.56
N ASN A 96 -10.66 9.32 9.63
CA ASN A 96 -11.60 9.55 8.54
C ASN A 96 -11.87 8.22 7.86
N VAL A 97 -12.73 8.26 6.84
CA VAL A 97 -12.95 7.12 5.94
C VAL A 97 -11.69 7.00 5.07
N PRO A 98 -11.49 5.89 4.34
CA PRO A 98 -10.33 5.80 3.47
C PRO A 98 -10.21 7.01 2.54
N SER A 99 -8.96 7.42 2.29
CA SER A 99 -8.70 8.66 1.58
C SER A 99 -9.24 8.60 0.15
N GLU A 100 -9.36 9.79 -0.45
CA GLU A 100 -9.83 9.86 -1.83
C GLU A 100 -8.84 9.22 -2.80
N GLU A 101 -7.54 9.23 -2.47
CA GLU A 101 -6.57 8.52 -3.28
C GLU A 101 -6.89 7.04 -3.35
N VAL A 102 -7.24 6.43 -2.22
CA VAL A 102 -7.61 5.02 -2.20
C VAL A 102 -8.91 4.81 -2.95
N VAL A 103 -9.85 5.73 -2.82
CA VAL A 103 -11.16 5.57 -3.45
C VAL A 103 -11.02 5.53 -4.96
N LYS A 104 -10.28 6.48 -5.54
CA LYS A 104 -10.23 6.60 -6.99
C LYS A 104 -9.58 5.37 -7.63
N LYS A 105 -8.58 4.78 -6.98
CA LYS A 105 -7.87 3.66 -7.56
C LYS A 105 -8.50 2.31 -7.25
N MET A 106 -9.36 2.23 -6.22
CA MET A 106 -9.93 0.97 -5.80
C MET A 106 -11.44 0.84 -6.05
N LYS A 107 -12.12 1.94 -6.39
CA LYS A 107 -13.58 1.91 -6.44
C LYS A 107 -14.10 0.95 -7.51
N ASN A 108 -13.38 0.77 -8.61
CA ASN A 108 -13.83 -0.15 -9.64
C ASN A 108 -13.82 -1.59 -9.14
N TYR A 109 -12.82 -1.94 -8.33
CA TYR A 109 -12.82 -3.28 -7.74
C TYR A 109 -13.88 -3.41 -6.66
N TRP A 110 -14.11 -2.35 -5.89
CA TRP A 110 -15.21 -2.35 -4.93
C TRP A 110 -16.55 -2.50 -5.63
N ARG A 111 -16.72 -1.83 -6.77
CA ARG A 111 -17.95 -1.96 -7.55
C ARG A 111 -18.16 -3.39 -8.02
N GLN A 112 -17.08 -4.06 -8.43
CA GLN A 112 -17.18 -5.44 -8.88
C GLN A 112 -17.56 -6.36 -7.71
N LEU A 113 -16.99 -6.12 -6.53
CA LEU A 113 -17.36 -6.91 -5.36
C LEU A 113 -18.82 -6.66 -4.96
N LEU A 114 -19.30 -5.43 -5.15
CA LEU A 114 -20.69 -5.13 -4.85
C LEU A 114 -21.64 -5.89 -5.77
N ASN A 115 -21.35 -5.89 -7.07
CA ASN A 115 -22.19 -6.60 -8.02
C ASN A 115 -22.12 -8.11 -7.81
N ALA A 116 -21.02 -8.60 -7.25
CA ALA A 116 -20.85 -10.02 -6.96
C ALA A 116 -21.36 -10.40 -5.58
N LYS A 117 -22.00 -9.46 -4.87
CA LYS A 117 -22.57 -9.71 -3.54
C LYS A 117 -21.50 -10.08 -2.52
N LEU A 118 -20.28 -9.56 -2.69
CA LEU A 118 -19.22 -9.76 -1.71
C LEU A 118 -19.07 -8.60 -0.75
N ILE A 119 -19.63 -7.43 -1.09
CA ILE A 119 -19.82 -6.33 -0.15
C ILE A 119 -21.24 -5.82 -0.33
N THR A 120 -21.75 -5.16 0.70
CA THR A 120 -23.08 -4.59 0.62
C THR A 120 -23.02 -3.17 0.06
N GLN A 121 -24.20 -2.65 -0.31
CA GLN A 121 -24.26 -1.26 -0.77
C GLN A 121 -23.83 -0.30 0.33
N ARG A 122 -24.23 -0.58 1.57
CA ARG A 122 -23.79 0.24 2.69
C ARG A 122 -22.28 0.22 2.84
N LYS A 123 -21.67 -0.96 2.69
CA LYS A 123 -20.21 -1.05 2.77
C LYS A 123 -19.55 -0.31 1.63
N PHE A 124 -20.14 -0.38 0.42
CA PHE A 124 -19.60 0.35 -0.71
C PHE A 124 -19.76 1.86 -0.53
N ASP A 125 -20.87 2.28 0.09
CA ASP A 125 -21.09 3.71 0.31
C ASP A 125 -20.10 4.27 1.33
N ASN A 126 -19.80 3.50 2.38
CA ASN A 126 -18.85 3.97 3.38
C ASN A 126 -17.41 3.94 2.86
N LEU A 127 -17.09 2.96 2.01
CA LEU A 127 -15.75 2.90 1.43
C LEU A 127 -15.46 4.10 0.54
N THR A 128 -16.48 4.62 -0.14
CA THR A 128 -16.32 5.70 -1.11
C THR A 128 -16.76 7.06 -0.57
N LYS A 129 -16.99 7.18 0.74
CA LYS A 129 -17.55 8.41 1.28
C LYS A 129 -16.56 9.59 1.21
N ALA A 130 -15.28 9.33 0.94
CA ALA A 130 -14.32 10.42 0.88
C ALA A 130 -14.60 11.36 -0.29
N GLU A 131 -15.06 10.81 -1.42
CA GLU A 131 -15.39 11.63 -2.59
C GLU A 131 -16.72 12.35 -2.45
N ARG A 132 -17.38 12.26 -1.28
CA ARG A 132 -18.62 12.97 -1.03
C ARG A 132 -18.54 13.83 0.24
N GLY A 133 -17.33 14.15 0.69
CA GLY A 133 -17.17 14.96 1.88
C GLY A 133 -16.26 14.32 2.91
N GLY A 134 -16.54 13.07 3.27
CA GLY A 134 -15.70 12.37 4.23
C GLY A 134 -16.39 12.06 5.54
N LEU A 135 -15.60 12.09 6.63
CA LEU A 135 -16.05 11.74 7.98
C LEU A 135 -16.45 10.26 8.07
N SER B 1 26.55 19.66 8.15
CA SER B 1 27.75 19.02 7.63
C SER B 1 27.83 19.17 6.12
N LYS B 2 29.01 18.85 5.56
CA LYS B 2 29.19 18.95 4.11
C LYS B 2 28.28 17.96 3.37
N ASN B 3 28.10 16.76 3.94
CA ASN B 3 27.25 15.77 3.30
C ASN B 3 25.79 16.20 3.29
N SER B 4 25.35 16.87 4.36
CA SER B 4 23.97 17.35 4.40
C SER B 4 23.73 18.44 3.35
N ARG B 5 24.74 19.28 3.11
CA ARG B 5 24.62 20.26 2.04
C ARG B 5 24.63 19.61 0.68
N GLU B 6 25.29 18.45 0.54
CA GLU B 6 25.25 17.71 -0.71
C GLU B 6 23.88 17.07 -0.91
N ARG B 7 23.23 16.63 0.17
CA ARG B 7 21.89 16.07 0.06
C ARG B 7 20.89 17.14 -0.33
N MET B 8 21.08 18.37 0.16
CA MET B 8 20.17 19.46 -0.19
C MET B 8 20.25 19.80 -1.67
N LYS B 9 21.45 19.76 -2.24
CA LYS B 9 21.60 20.06 -3.66
C LYS B 9 20.91 19.01 -4.53
N ARG B 10 20.94 17.74 -4.09
CA ARG B 10 20.33 16.68 -4.88
CA ARG B 10 20.32 16.68 -4.87
C ARG B 10 18.81 16.87 -4.98
N ILE B 11 18.15 17.11 -3.84
CA ILE B 11 16.70 17.23 -3.85
C ILE B 11 16.27 18.52 -4.53
N GLU B 12 17.02 19.60 -4.35
CA GLU B 12 16.65 20.86 -4.98
C GLU B 12 16.73 20.77 -6.50
N GLU B 13 17.76 20.10 -7.02
CA GLU B 13 17.84 19.90 -8.46
C GLU B 13 16.76 18.95 -8.96
N GLY B 14 16.54 17.85 -8.23
CA GLY B 14 15.56 16.87 -8.68
C GLY B 14 14.13 17.36 -8.60
N ILE B 15 13.81 18.12 -7.55
CA ILE B 15 12.45 18.64 -7.41
C ILE B 15 12.16 19.66 -8.50
N LYS B 16 13.14 20.48 -8.85
CA LYS B 16 12.93 21.45 -9.92
C LYS B 16 12.77 20.77 -11.28
N GLU B 17 13.47 19.65 -11.49
CA GLU B 17 13.29 18.90 -12.73
C GLU B 17 11.88 18.31 -12.82
N LEU B 18 11.33 17.88 -11.69
CA LEU B 18 9.95 17.39 -11.68
C LEU B 18 8.94 18.53 -11.77
N GLY B 19 9.35 19.77 -11.53
CA GLY B 19 8.40 20.86 -11.45
C GLY B 19 7.50 20.79 -10.24
N SER B 20 7.99 20.22 -9.14
CA SER B 20 7.19 20.00 -7.95
C SER B 20 7.24 21.21 -7.02
N GLN B 21 6.16 21.40 -6.27
CA GLN B 21 6.04 22.48 -5.31
C GLN B 21 6.30 22.01 -3.88
N ILE B 22 6.91 20.84 -3.72
CA ILE B 22 7.02 20.25 -2.39
C ILE B 22 8.00 21.02 -1.52
N LEU B 23 9.02 21.65 -2.11
CA LEU B 23 9.94 22.47 -1.33
C LEU B 23 9.32 23.81 -0.96
N LYS B 24 8.42 24.33 -1.79
CA LYS B 24 7.70 25.55 -1.45
C LYS B 24 6.68 25.29 -0.35
N GLU B 25 6.02 24.12 -0.39
CA GLU B 25 5.01 23.79 0.61
C GLU B 25 5.63 23.25 1.88
N HIS B 26 6.81 22.64 1.80
CA HIS B 26 7.50 22.10 2.97
C HIS B 26 8.98 22.49 2.90
N PRO B 27 9.29 23.74 3.25
CA PRO B 27 10.70 24.16 3.25
C PRO B 27 11.52 23.39 4.28
N VAL B 28 12.79 23.18 3.97
CA VAL B 28 13.67 22.35 4.78
C VAL B 28 15.07 22.94 4.79
N GLU B 29 15.74 22.82 5.93
CA GLU B 29 17.15 23.15 6.04
C GLU B 29 17.99 21.90 5.80
N ASN B 30 19.22 22.11 5.30
CA ASN B 30 20.03 20.98 4.86
C ASN B 30 20.36 20.03 6.00
N THR B 31 20.46 20.53 7.23
CA THR B 31 20.80 19.68 8.35
C THR B 31 19.66 18.72 8.70
N GLN B 32 18.42 19.08 8.38
CA GLN B 32 17.29 18.20 8.64
C GLN B 32 17.32 16.95 7.77
N LEU B 33 18.03 16.99 6.65
CA LEU B 33 18.13 15.83 5.77
C LEU B 33 19.03 14.74 6.32
N GLN B 34 19.64 14.95 7.49
CA GLN B 34 20.37 13.89 8.16
C GLN B 34 19.43 12.81 8.69
N ASN B 35 18.14 13.12 8.80
CA ASN B 35 17.10 12.11 9.01
C ASN B 35 16.87 11.42 7.67
N GLU B 36 17.21 10.13 7.58
CA GLU B 36 17.08 9.41 6.32
C GLU B 36 15.63 9.36 5.84
N LYS B 37 14.67 9.31 6.78
CA LYS B 37 13.27 9.28 6.38
C LYS B 37 12.86 10.60 5.73
N LEU B 38 13.30 11.73 6.29
CA LEU B 38 12.99 13.01 5.68
C LEU B 38 13.73 13.19 4.36
N TYR B 39 14.98 12.73 4.30
CA TYR B 39 15.73 12.77 3.04
C TYR B 39 15.01 11.97 1.95
N LEU B 40 14.60 10.74 2.27
CA LEU B 40 13.88 9.92 1.31
C LEU B 40 12.53 10.52 0.95
N TYR B 41 11.89 11.21 1.91
CA TYR B 41 10.61 11.85 1.63
C TYR B 41 10.72 12.84 0.47
N TYR B 42 11.77 13.67 0.49
CA TYR B 42 11.95 14.64 -0.58
C TYR B 42 12.46 13.97 -1.85
N LEU B 43 13.33 12.96 -1.72
CA LEU B 43 13.82 12.24 -2.89
C LEU B 43 12.68 11.57 -3.66
N GLN B 44 11.60 11.22 -2.96
CA GLN B 44 10.46 10.56 -3.58
C GLN B 44 9.29 11.52 -3.84
N ASN B 45 9.53 12.82 -3.73
CA ASN B 45 8.51 13.84 -3.97
C ASN B 45 7.28 13.62 -3.08
N GLY B 46 7.51 13.15 -1.86
CA GLY B 46 6.41 12.93 -0.94
C GLY B 46 5.47 11.80 -1.33
N ARG B 47 5.94 10.84 -2.12
CA ARG B 47 5.12 9.73 -2.58
C ARG B 47 5.72 8.41 -2.10
N ASP B 48 4.86 7.40 -1.99
CA ASP B 48 5.30 6.06 -1.63
C ASP B 48 5.93 5.39 -2.84
N MET B 49 7.00 4.63 -2.61
CA MET B 49 7.68 3.98 -3.72
C MET B 49 7.06 2.64 -4.09
N TYR B 50 6.28 2.03 -3.19
CA TYR B 50 5.64 0.75 -3.45
C TYR B 50 4.14 0.84 -3.66
N VAL B 51 3.51 1.94 -3.25
CA VAL B 51 2.08 2.13 -3.37
C VAL B 51 1.82 3.49 -4.00
N ASP B 52 0.77 3.59 -4.82
CA ASP B 52 0.35 4.86 -5.40
C ASP B 52 -0.42 5.63 -4.33
N GLN B 53 0.33 6.29 -3.44
CA GLN B 53 -0.26 7.08 -2.38
C GLN B 53 0.79 8.06 -1.87
N GLU B 54 0.32 9.08 -1.17
CA GLU B 54 1.21 10.10 -0.62
C GLU B 54 1.84 9.61 0.68
N LEU B 55 2.94 10.26 1.05
CA LEU B 55 3.54 10.11 2.36
C LEU B 55 3.20 11.35 3.19
N ASP B 56 2.70 11.13 4.41
CA ASP B 56 2.38 12.25 5.30
C ASP B 56 3.65 12.69 6.01
N ILE B 57 4.04 13.95 5.80
CA ILE B 57 5.29 14.46 6.37
C ILE B 57 5.23 14.54 7.88
N ASN B 58 4.02 14.53 8.46
CA ASN B 58 3.84 14.47 9.90
C ASN B 58 3.77 13.05 10.44
N ARG B 59 3.90 12.03 9.59
CA ARG B 59 3.79 10.64 10.02
C ARG B 59 5.02 9.82 9.63
N LEU B 60 6.19 10.44 9.49
CA LEU B 60 7.35 9.69 9.00
C LEU B 60 7.79 8.63 10.00
N SER B 61 7.64 8.90 11.30
CA SER B 61 8.06 7.94 12.32
C SER B 61 7.28 6.64 12.23
N ASP B 62 6.09 6.64 11.64
CA ASP B 62 5.31 5.43 11.47
C ASP B 62 5.67 4.66 10.20
N TYR B 63 6.47 5.25 9.31
CA TYR B 63 6.82 4.61 8.05
C TYR B 63 8.09 3.77 8.22
N ASP B 64 8.36 2.94 7.21
CA ASP B 64 9.50 2.03 7.22
C ASP B 64 10.49 2.41 6.14
N VAL B 65 11.78 2.33 6.49
CA VAL B 65 12.86 2.43 5.51
C VAL B 65 13.19 1.01 5.08
N ASP B 66 12.84 0.67 3.85
CA ASP B 66 12.94 -0.69 3.34
C ASP B 66 14.11 -0.84 2.39
N HIS B 67 14.81 -1.97 2.48
CA HIS B 67 15.90 -2.26 1.57
C HIS B 67 15.34 -2.89 0.29
N ILE B 68 15.71 -2.31 -0.85
CA ILE B 68 15.25 -2.84 -2.13
C ILE B 68 15.77 -4.26 -2.31
N VAL B 69 17.08 -4.45 -2.24
CA VAL B 69 17.69 -5.77 -2.16
C VAL B 69 17.91 -6.10 -0.69
N PRO B 70 17.26 -7.12 -0.15
CA PRO B 70 17.41 -7.41 1.29
C PRO B 70 18.85 -7.67 1.67
N GLN B 71 19.17 -7.38 2.93
CA GLN B 71 20.55 -7.50 3.41
C GLN B 71 21.03 -8.94 3.39
N SER B 72 20.13 -9.91 3.28
CA SER B 72 20.55 -11.30 3.19
C SER B 72 21.28 -11.58 1.88
N PHE B 73 20.96 -10.83 0.82
CA PHE B 73 21.63 -10.97 -0.47
C PHE B 73 22.80 -10.00 -0.61
N LEU B 74 22.55 -8.72 -0.35
CA LEU B 74 23.50 -7.66 -0.65
C LEU B 74 23.78 -6.84 0.61
N LYS B 75 25.04 -6.46 0.79
CA LYS B 75 25.44 -5.58 1.88
C LYS B 75 25.45 -4.15 1.35
N ASP B 76 24.36 -3.42 1.57
CA ASP B 76 24.24 -2.05 1.05
C ASP B 76 23.18 -1.34 1.88
N ASP B 77 23.64 -0.53 2.84
CA ASP B 77 22.75 0.27 3.69
C ASP B 77 22.71 1.73 3.25
N SER B 78 23.03 2.01 1.99
CA SER B 78 23.02 3.37 1.49
C SER B 78 21.63 3.75 0.99
N ILE B 79 21.46 5.04 0.68
CA ILE B 79 20.21 5.53 0.10
C ILE B 79 19.94 4.85 -1.23
N ASP B 80 20.98 4.44 -1.93
CA ASP B 80 20.83 3.79 -3.23
C ASP B 80 20.16 2.42 -3.14
N ASN B 81 20.02 1.85 -1.94
CA ASN B 81 19.34 0.58 -1.75
C ASN B 81 18.16 0.72 -0.78
N LYS B 82 17.66 1.93 -0.58
CA LYS B 82 16.61 2.18 0.39
C LYS B 82 15.50 3.02 -0.24
N VAL B 83 14.27 2.78 0.23
CA VAL B 83 13.12 3.61 -0.10
C VAL B 83 12.33 3.83 1.17
N LEU B 84 11.51 4.88 1.18
CA LEU B 84 10.58 5.15 2.27
C LEU B 84 9.19 4.71 1.82
N THR B 85 8.58 3.81 2.58
CA THR B 85 7.25 3.31 2.28
C THR B 85 6.42 3.30 3.55
N ARG B 86 5.11 3.43 3.39
CA ARG B 86 4.22 3.44 4.55
C ARG B 86 4.37 2.17 5.37
N SER B 87 4.56 1.04 4.70
CA SER B 87 4.80 -0.23 5.37
C SER B 87 5.64 -1.10 4.46
N ASP B 88 6.66 -1.75 5.03
CA ASP B 88 7.49 -2.64 4.23
C ASP B 88 6.76 -3.87 3.74
N LYS B 89 5.57 -4.15 4.29
CA LYS B 89 4.74 -5.23 3.77
C LYS B 89 4.20 -4.91 2.39
N ASN B 90 4.24 -3.63 1.98
CA ASN B 90 3.76 -3.24 0.65
C ASN B 90 4.73 -3.65 -0.45
N ARG B 91 5.93 -4.11 -0.11
CA ARG B 91 6.90 -4.53 -1.12
C ARG B 91 6.55 -5.87 -1.75
N GLY B 92 5.59 -6.60 -1.18
CA GLY B 92 5.28 -7.94 -1.66
C GLY B 92 5.95 -9.00 -0.79
N LYS B 93 6.74 -9.87 -1.41
CA LYS B 93 7.50 -10.86 -0.66
C LYS B 93 8.67 -10.19 0.05
N SER B 94 9.10 -10.80 1.16
CA SER B 94 10.19 -10.24 1.95
C SER B 94 11.55 -10.79 1.57
N ASP B 95 11.62 -11.96 0.93
CA ASP B 95 12.88 -12.60 0.58
C ASP B 95 13.22 -12.42 -0.89
N ASN B 96 13.05 -11.23 -1.44
CA ASN B 96 13.33 -10.95 -2.84
C ASN B 96 13.32 -9.44 -3.04
N VAL B 97 13.46 -9.02 -4.30
CA VAL B 97 13.24 -7.64 -4.70
C VAL B 97 11.73 -7.40 -4.67
N PRO B 98 11.26 -6.15 -4.75
CA PRO B 98 9.81 -5.91 -4.81
C PRO B 98 9.16 -6.73 -5.93
N SER B 99 7.95 -7.20 -5.66
CA SER B 99 7.29 -8.15 -6.54
C SER B 99 6.95 -7.53 -7.89
N GLU B 100 6.67 -8.39 -8.87
CA GLU B 100 6.27 -7.92 -10.19
C GLU B 100 4.98 -7.12 -10.13
N GLU B 101 4.12 -7.41 -9.15
CA GLU B 101 2.92 -6.59 -8.95
C GLU B 101 3.30 -5.14 -8.67
N VAL B 102 4.29 -4.93 -7.80
CA VAL B 102 4.73 -3.57 -7.48
C VAL B 102 5.43 -2.94 -8.67
N VAL B 103 6.21 -3.73 -9.40
CA VAL B 103 7.00 -3.19 -10.50
C VAL B 103 6.09 -2.65 -11.61
N LYS B 104 5.13 -3.47 -12.05
CA LYS B 104 4.22 -3.04 -13.11
C LYS B 104 3.41 -1.82 -12.70
N LYS B 105 3.16 -1.64 -11.40
CA LYS B 105 2.32 -0.53 -10.96
C LYS B 105 3.11 0.74 -10.74
N MET B 106 4.38 0.63 -10.36
CA MET B 106 5.19 1.78 -9.94
C MET B 106 6.34 2.12 -10.88
N LYS B 107 6.59 1.32 -11.92
CA LYS B 107 7.77 1.55 -12.75
C LYS B 107 7.70 2.87 -13.51
N ASN B 108 6.48 3.33 -13.84
CA ASN B 108 6.35 4.60 -14.54
C ASN B 108 6.81 5.77 -13.65
N TYR B 109 6.43 5.73 -12.37
CA TYR B 109 6.88 6.77 -11.45
C TYR B 109 8.36 6.64 -11.13
N TRP B 110 8.88 5.42 -11.08
CA TRP B 110 10.31 5.23 -10.87
C TRP B 110 11.12 5.82 -12.02
N ARG B 111 10.63 5.66 -13.25
CA ARG B 111 11.33 6.22 -14.40
C ARG B 111 11.37 7.74 -14.33
N GLN B 112 10.28 8.36 -13.85
CA GLN B 112 10.27 9.82 -13.69
C GLN B 112 11.31 10.27 -12.67
N LEU B 113 11.43 9.53 -11.56
CA LEU B 113 12.44 9.86 -10.57
C LEU B 113 13.84 9.63 -11.12
N LEU B 114 14.01 8.61 -11.95
CA LEU B 114 15.31 8.34 -12.56
C LEU B 114 15.74 9.47 -13.47
N ASN B 115 14.82 9.93 -14.35
CA ASN B 115 15.15 11.02 -15.25
C ASN B 115 15.35 12.33 -14.50
N ALA B 116 14.68 12.50 -13.36
CA ALA B 116 14.87 13.67 -12.51
C ALA B 116 16.09 13.54 -11.61
N LYS B 117 16.88 12.49 -11.76
CA LYS B 117 18.10 12.25 -10.97
C LYS B 117 17.79 12.08 -9.49
N LEU B 118 16.57 11.65 -9.17
CA LEU B 118 16.19 11.36 -7.79
C LEU B 118 16.49 9.92 -7.39
N ILE B 119 16.68 9.03 -8.36
CA ILE B 119 17.23 7.70 -8.12
C ILE B 119 18.27 7.45 -9.20
N THR B 120 19.21 6.56 -8.90
CA THR B 120 20.24 6.18 -9.85
C THR B 120 19.74 5.06 -10.75
N GLN B 121 20.47 4.83 -11.84
CA GLN B 121 20.14 3.72 -12.73
C GLN B 121 20.25 2.39 -12.01
N ARG B 122 21.26 2.26 -11.13
CA ARG B 122 21.39 1.03 -10.34
C ARG B 122 20.19 0.83 -9.43
N LYS B 123 19.76 1.91 -8.76
CA LYS B 123 18.58 1.81 -7.89
C LYS B 123 17.33 1.48 -8.70
N PHE B 124 17.23 2.04 -9.92
CA PHE B 124 16.09 1.71 -10.77
C PHE B 124 16.17 0.25 -11.24
N ASP B 125 17.38 -0.23 -11.54
CA ASP B 125 17.53 -1.61 -12.01
C ASP B 125 17.14 -2.60 -10.92
N ASN B 126 17.51 -2.32 -9.66
CA ASN B 126 17.17 -3.24 -8.59
C ASN B 126 15.69 -3.16 -8.23
N LEU B 127 15.07 -2.00 -8.41
CA LEU B 127 13.64 -1.87 -8.14
C LEU B 127 12.81 -2.69 -9.12
N THR B 128 13.27 -2.81 -10.36
CA THR B 128 12.53 -3.53 -11.40
C THR B 128 13.10 -4.92 -11.67
N LYS B 129 13.89 -5.46 -10.72
CA LYS B 129 14.55 -6.74 -10.95
C LYS B 129 13.56 -7.89 -11.09
N ALA B 130 12.38 -7.76 -10.50
CA ALA B 130 11.38 -8.83 -10.59
C ALA B 130 10.91 -9.08 -12.02
N GLU B 131 11.00 -8.07 -12.90
CA GLU B 131 10.69 -8.28 -14.30
C GLU B 131 11.69 -9.21 -14.99
N ARG B 132 12.90 -9.31 -14.46
CA ARG B 132 13.99 -10.05 -15.09
C ARG B 132 14.44 -11.21 -14.22
N GLY B 133 13.48 -11.95 -13.65
CA GLY B 133 13.77 -13.13 -12.87
C GLY B 133 13.90 -12.90 -11.37
N GLY B 134 14.09 -11.67 -10.93
CA GLY B 134 14.28 -11.41 -9.52
C GLY B 134 15.66 -11.82 -9.05
N LEU B 135 15.75 -12.14 -7.77
CA LEU B 135 17.02 -12.55 -7.16
C LEU B 135 17.21 -14.06 -7.25
#